data_5POX
#
_entry.id   5POX
#
_cell.length_a   55.550
_cell.length_b   56.330
_cell.length_c   101.690
_cell.angle_alpha   90.000
_cell.angle_beta   90.000
_cell.angle_gamma   90.000
#
_symmetry.space_group_name_H-M   'P 21 21 21'
#
loop_
_entity.id
_entity.type
_entity.pdbx_description
1 polymer 'Bromodomain-containing protein 1'
2 non-polymer 1,2-ETHANEDIOL
3 non-polymer 'ethyl (5S)-4,5,6,7-tetrahydro-2H-indazole-5-carboxylate'
4 non-polymer 'SODIUM ION'
5 water water
#
_entity_poly.entity_id   1
_entity_poly.type   'polypeptide(L)'
_entity_poly.pdbx_seq_one_letter_code
;MHHHHHHSSGVDLGTENLYFQSMEQVAMELRLTELTRLLRSVLDQLQDKDPARIFAQPVSLKEVPDYLDHIKHPMDFATM
RKRLEAQGYKNLHEFEEDFDLIIDNCMKYNARDTVFYRAAVRLRDQGGVVLRQARREVDSIGLEEASGMHLPERPA
;
_entity_poly.pdbx_strand_id   A,B
#
# COMPACT_ATOMS: atom_id res chain seq x y z
N SER A 22 -11.25 -28.44 21.39
CA SER A 22 -10.57 -28.14 22.65
C SER A 22 -11.13 -26.88 23.30
N MET A 23 -10.82 -26.70 24.58
CA MET A 23 -11.25 -25.51 25.30
CA MET A 23 -11.25 -25.51 25.30
C MET A 23 -10.49 -24.28 24.79
N GLU A 24 -9.23 -24.48 24.43
CA GLU A 24 -8.42 -23.38 23.92
C GLU A 24 -9.07 -22.77 22.69
N GLN A 25 -9.42 -23.61 21.72
CA GLN A 25 -9.97 -23.12 20.46
C GLN A 25 -11.29 -22.37 20.66
N VAL A 26 -12.06 -22.77 21.67
CA VAL A 26 -13.29 -22.05 22.02
C VAL A 26 -12.98 -20.66 22.58
N ALA A 27 -12.00 -20.58 23.48
CA ALA A 27 -11.55 -19.30 24.03
C ALA A 27 -11.02 -18.41 22.90
N MET A 28 -10.22 -19.01 22.04
CA MET A 28 -9.73 -18.39 20.80
C MET A 28 -10.88 -17.76 20.01
N GLU A 29 -11.86 -18.60 19.67
CA GLU A 29 -13.01 -18.16 18.91
C GLU A 29 -13.82 -17.10 19.65
N LEU A 30 -13.79 -17.15 20.98
CA LEU A 30 -14.47 -16.15 21.79
C LEU A 30 -13.83 -14.77 21.60
N ARG A 31 -12.51 -14.74 21.60
CA ARG A 31 -11.77 -13.49 21.39
C ARG A 31 -11.97 -12.96 19.97
N LEU A 32 -11.81 -13.84 18.99
CA LEU A 32 -12.09 -13.47 17.60
C LEU A 32 -13.51 -12.93 17.46
N THR A 33 -14.45 -13.55 18.14
CA THR A 33 -15.83 -13.08 18.13
C THR A 33 -15.92 -11.72 18.80
N GLU A 34 -15.11 -11.51 19.84
CA GLU A 34 -15.13 -10.22 20.54
C GLU A 34 -14.52 -9.15 19.65
N LEU A 35 -13.44 -9.50 18.98
CA LEU A 35 -12.77 -8.59 18.05
C LEU A 35 -13.74 -8.17 16.95
N THR A 36 -14.44 -9.15 16.40
CA THR A 36 -15.46 -8.90 15.39
C THR A 36 -16.51 -7.93 15.91
N ARG A 37 -16.91 -8.11 17.17
CA ARG A 37 -17.88 -7.20 17.79
C ARG A 37 -17.33 -5.77 17.85
N LEU A 38 -16.07 -5.63 18.25
CA LEU A 38 -15.45 -4.31 18.36
C LEU A 38 -15.27 -3.69 16.97
N LEU A 39 -14.85 -4.50 16.01
CA LEU A 39 -14.65 -4.02 14.64
C LEU A 39 -15.97 -3.63 13.98
N ARG A 40 -17.04 -4.34 14.30
CA ARG A 40 -18.35 -3.97 13.76
C ARG A 40 -18.72 -2.55 14.18
N SER A 41 -18.39 -2.22 15.42
CA SER A 41 -18.64 -0.88 15.96
C SER A 41 -17.77 0.17 15.28
N VAL A 42 -16.48 -0.13 15.14
CA VAL A 42 -15.57 0.72 14.39
C VAL A 42 -16.07 0.94 12.96
N LEU A 43 -16.50 -0.13 12.30
CA LEU A 43 -16.95 -0.03 10.92
C LEU A 43 -18.18 0.87 10.84
N ASP A 44 -19.10 0.73 11.80
CA ASP A 44 -20.30 1.56 11.79
C ASP A 44 -19.93 3.03 11.99
N GLN A 45 -18.99 3.28 12.89
CA GLN A 45 -18.55 4.63 13.17
C GLN A 45 -17.87 5.26 11.95
N LEU A 46 -17.05 4.47 11.26
CA LEU A 46 -16.36 4.98 10.08
C LEU A 46 -17.35 5.30 8.96
N GLN A 47 -18.32 4.40 8.75
CA GLN A 47 -19.29 4.58 7.69
C GLN A 47 -20.23 5.77 7.97
N ASP A 48 -20.37 6.13 9.24
CA ASP A 48 -21.15 7.31 9.58
C ASP A 48 -20.48 8.59 9.10
N LYS A 49 -19.16 8.52 8.88
CA LYS A 49 -18.42 9.68 8.37
C LYS A 49 -18.54 9.80 6.85
N ASP A 50 -19.36 8.94 6.26
CA ASP A 50 -19.61 8.92 4.82
C ASP A 50 -21.11 9.04 4.54
N PRO A 51 -21.73 10.15 5.00
CA PRO A 51 -23.20 10.22 4.84
C PRO A 51 -23.62 10.28 3.38
N ALA A 52 -22.71 10.70 2.50
CA ALA A 52 -23.01 10.72 1.07
C ALA A 52 -22.99 9.30 0.46
N ARG A 53 -22.49 8.34 1.23
CA ARG A 53 -22.41 6.92 0.84
C ARG A 53 -21.59 6.70 -0.44
N ILE A 54 -20.56 7.53 -0.60
CA ILE A 54 -19.65 7.41 -1.73
C ILE A 54 -18.88 6.09 -1.67
N PHE A 55 -18.61 5.62 -0.46
CA PHE A 55 -17.77 4.43 -0.27
C PHE A 55 -18.54 3.18 0.16
N ALA A 56 -19.87 3.25 0.08
CA ALA A 56 -20.74 2.20 0.59
C ALA A 56 -20.67 0.90 -0.20
N GLN A 57 -20.51 1.00 -1.52
CA GLN A 57 -20.57 -0.15 -2.42
C GLN A 57 -19.35 -0.21 -3.33
N PRO A 58 -19.04 -1.40 -3.89
CA PRO A 58 -17.97 -1.51 -4.89
C PRO A 58 -18.17 -0.52 -6.01
N VAL A 59 -17.08 0.05 -6.52
CA VAL A 59 -17.14 0.81 -7.74
C VAL A 59 -17.72 -0.09 -8.83
N SER A 60 -18.77 0.39 -9.50
CA SER A 60 -19.43 -0.38 -10.55
C SER A 60 -18.56 -0.62 -11.77
N LEU A 61 -18.29 -1.89 -12.07
CA LEU A 61 -17.48 -2.25 -13.22
C LEU A 61 -18.32 -2.12 -14.50
N LYS A 62 -19.63 -2.02 -14.34
CA LYS A 62 -20.48 -1.74 -15.48
C LYS A 62 -20.35 -0.27 -15.86
N GLU A 63 -20.37 0.59 -14.85
CA GLU A 63 -20.31 2.02 -15.08
C GLU A 63 -18.87 2.56 -15.21
N VAL A 64 -17.91 1.81 -14.66
CA VAL A 64 -16.49 2.13 -14.84
C VAL A 64 -15.76 0.88 -15.34
N PRO A 65 -15.93 0.55 -16.63
CA PRO A 65 -15.46 -0.74 -17.14
C PRO A 65 -13.95 -0.91 -17.09
N ASP A 66 -13.18 0.17 -17.07
CA ASP A 66 -11.72 0.05 -17.05
C ASP A 66 -11.12 0.19 -15.66
N TYR A 67 -11.95 0.13 -14.62
CA TYR A 67 -11.46 0.44 -13.27
C TYR A 67 -10.30 -0.45 -12.84
N LEU A 68 -10.36 -1.72 -13.21
CA LEU A 68 -9.36 -2.67 -12.75
C LEU A 68 -8.02 -2.48 -13.46
N ASP A 69 -8.04 -1.73 -14.55
CA ASP A 69 -6.79 -1.31 -15.19
C ASP A 69 -6.08 -0.30 -14.31
N HIS A 70 -6.85 0.41 -13.48
CA HIS A 70 -6.30 1.48 -12.64
C HIS A 70 -6.01 1.03 -11.22
N ILE A 71 -6.97 0.31 -10.67
CA ILE A 71 -6.97 -0.09 -9.27
C ILE A 71 -6.93 -1.61 -9.16
N LYS A 72 -5.85 -2.14 -8.59
CA LYS A 72 -5.67 -3.59 -8.57
C LYS A 72 -6.39 -4.28 -7.41
N HIS A 73 -6.67 -3.53 -6.34
CA HIS A 73 -7.39 -4.12 -5.23
C HIS A 73 -8.51 -3.22 -4.74
N PRO A 74 -9.66 -3.30 -5.41
CA PRO A 74 -10.83 -2.50 -5.03
C PRO A 74 -11.29 -2.84 -3.63
N MET A 75 -11.87 -1.85 -2.96
CA MET A 75 -12.44 -2.07 -1.65
C MET A 75 -13.56 -1.07 -1.43
N ASP A 76 -14.47 -1.42 -0.52
CA ASP A 76 -15.62 -0.58 -0.19
C ASP A 76 -16.17 -1.10 1.13
N PHE A 77 -17.08 -0.34 1.74
CA PHE A 77 -17.60 -0.68 3.06
C PHE A 77 -18.45 -1.97 3.05
N ALA A 78 -19.20 -2.21 1.99
CA ALA A 78 -20.05 -3.40 1.96
C ALA A 78 -19.19 -4.67 1.92
N THR A 79 -18.12 -4.62 1.13
CA THR A 79 -17.20 -5.74 1.04
C THR A 79 -16.47 -5.96 2.36
N MET A 80 -16.10 -4.88 3.06
CA MET A 80 -15.49 -5.00 4.40
C MET A 80 -16.46 -5.67 5.37
N ARG A 81 -17.73 -5.30 5.28
CA ARG A 81 -18.73 -5.85 6.18
C ARG A 81 -18.93 -7.35 5.94
N LYS A 82 -18.85 -7.79 4.69
CA LYS A 82 -18.99 -9.21 4.38
C LYS A 82 -17.88 -9.99 5.04
N ARG A 83 -16.65 -9.49 4.91
CA ARG A 83 -15.50 -10.15 5.51
C ARG A 83 -15.59 -10.11 7.04
N LEU A 84 -16.10 -9.00 7.56
CA LEU A 84 -16.29 -8.84 8.99
C LEU A 84 -17.22 -9.91 9.58
N GLU A 85 -18.37 -10.11 8.95
CA GLU A 85 -19.35 -11.05 9.48
C GLU A 85 -18.95 -12.51 9.29
N ALA A 86 -18.02 -12.75 8.37
CA ALA A 86 -17.40 -14.06 8.21
C ALA A 86 -16.24 -14.23 9.19
N GLN A 87 -16.10 -13.27 10.11
CA GLN A 87 -14.98 -13.21 11.05
C GLN A 87 -13.65 -13.34 10.33
N GLY A 88 -13.50 -12.63 9.21
CA GLY A 88 -12.33 -12.73 8.38
C GLY A 88 -11.21 -11.75 8.73
N TYR A 89 -11.44 -10.92 9.73
CA TYR A 89 -10.37 -10.03 10.20
C TYR A 89 -9.73 -10.59 11.47
N LYS A 90 -8.47 -11.00 11.38
CA LYS A 90 -7.80 -11.62 12.52
C LYS A 90 -7.27 -10.61 13.53
N ASN A 91 -7.07 -9.38 13.07
CA ASN A 91 -6.52 -8.32 13.91
C ASN A 91 -6.90 -6.96 13.32
N LEU A 92 -6.74 -5.89 14.11
CA LEU A 92 -7.10 -4.54 13.64
C LEU A 92 -6.28 -4.11 12.41
N HIS A 93 -5.04 -4.56 12.33
CA HIS A 93 -4.19 -4.17 11.20
C HIS A 93 -4.81 -4.57 9.87
N GLU A 94 -5.31 -5.81 9.78
CA GLU A 94 -5.97 -6.28 8.55
C GLU A 94 -7.18 -5.42 8.20
N PHE A 95 -7.97 -5.08 9.22
CA PHE A 95 -9.13 -4.21 9.06
C PHE A 95 -8.69 -2.84 8.54
N GLU A 96 -7.66 -2.29 9.17
CA GLU A 96 -7.15 -0.97 8.77
C GLU A 96 -6.62 -0.95 7.35
N GLU A 97 -5.96 -2.03 6.93
N GLU A 97 -5.99 -2.04 6.89
CA GLU A 97 -5.46 -2.16 5.56
CA GLU A 97 -5.44 -2.04 5.54
C GLU A 97 -6.59 -1.94 4.57
C GLU A 97 -6.55 -2.05 4.48
N ASP A 98 -7.72 -2.59 4.82
CA ASP A 98 -8.86 -2.51 3.92
C ASP A 98 -9.45 -1.11 3.93
N PHE A 99 -9.50 -0.45 5.09
CA PHE A 99 -10.03 0.92 5.14
C PHE A 99 -9.13 1.83 4.33
N ASP A 100 -7.83 1.64 4.49
CA ASP A 100 -6.85 2.45 3.77
C ASP A 100 -6.99 2.24 2.26
N LEU A 101 -7.33 1.03 1.83
CA LEU A 101 -7.55 0.77 0.41
C LEU A 101 -8.69 1.61 -0.14
N ILE A 102 -9.78 1.72 0.63
CA ILE A 102 -10.91 2.52 0.18
C ILE A 102 -10.47 3.94 -0.14
N ILE A 103 -9.72 4.52 0.80
CA ILE A 103 -9.25 5.90 0.70
CA ILE A 103 -9.28 5.90 0.69
C ILE A 103 -8.23 6.06 -0.41
N ASP A 104 -7.23 5.18 -0.40
CA ASP A 104 -6.12 5.34 -1.31
C ASP A 104 -6.51 5.08 -2.75
N ASN A 105 -7.38 4.11 -2.97
CA ASN A 105 -7.87 3.83 -4.33
C ASN A 105 -8.59 5.06 -4.87
N CYS A 106 -9.46 5.62 -4.05
CA CYS A 106 -10.22 6.81 -4.43
C CYS A 106 -9.32 8.00 -4.75
N MET A 107 -8.27 8.18 -3.95
CA MET A 107 -7.43 9.36 -4.14
C MET A 107 -6.50 9.18 -5.36
N LYS A 108 -6.38 7.96 -5.86
CA LYS A 108 -5.59 7.77 -7.08
CA LYS A 108 -5.62 7.69 -7.09
C LYS A 108 -6.48 7.91 -8.32
N TYR A 109 -7.63 7.24 -8.30
CA TYR A 109 -8.49 7.22 -9.48
C TYR A 109 -9.08 8.59 -9.76
N ASN A 110 -9.44 9.30 -8.70
CA ASN A 110 -10.09 10.60 -8.87
C ASN A 110 -9.14 11.76 -8.67
N ALA A 111 -9.32 12.80 -9.48
CA ALA A 111 -8.47 13.98 -9.39
C ALA A 111 -8.72 14.79 -8.12
N ARG A 112 -7.71 15.55 -7.73
CA ARG A 112 -7.74 16.35 -6.52
C ARG A 112 -8.96 17.27 -6.39
N ASP A 113 -9.49 17.78 -7.51
CA ASP A 113 -10.58 18.74 -7.44
C ASP A 113 -11.97 18.13 -7.59
N THR A 114 -12.12 16.85 -7.25
CA THR A 114 -13.41 16.18 -7.39
C THR A 114 -14.06 15.96 -6.05
N VAL A 115 -15.39 15.83 -6.06
CA VAL A 115 -16.11 15.55 -4.83
C VAL A 115 -15.66 14.20 -4.24
N PHE A 116 -15.24 13.28 -5.11
CA PHE A 116 -14.84 11.95 -4.66
C PHE A 116 -13.53 11.99 -3.87
N TYR A 117 -12.55 12.67 -4.43
CA TYR A 117 -11.25 12.79 -3.76
C TYR A 117 -11.40 13.53 -2.43
N ARG A 118 -12.17 14.61 -2.44
CA ARG A 118 -12.36 15.39 -1.23
C ARG A 118 -13.10 14.58 -0.17
N ALA A 119 -14.00 13.71 -0.59
CA ALA A 119 -14.71 12.88 0.38
C ALA A 119 -13.76 11.88 1.02
N ALA A 120 -12.79 11.39 0.25
CA ALA A 120 -11.80 10.45 0.78
C ALA A 120 -10.89 11.13 1.79
N VAL A 121 -10.46 12.35 1.49
CA VAL A 121 -9.63 13.11 2.42
C VAL A 121 -10.34 13.29 3.75
N ARG A 122 -11.62 13.66 3.67
CA ARG A 122 -12.43 13.91 4.85
C ARG A 122 -12.62 12.64 5.66
N LEU A 123 -12.89 11.53 4.96
CA LEU A 123 -13.07 10.24 5.62
C LEU A 123 -11.78 9.78 6.31
N ARG A 124 -10.64 10.02 5.65
CA ARG A 124 -9.33 9.70 6.22
CA ARG A 124 -9.37 9.66 6.26
C ARG A 124 -9.08 10.48 7.50
N ASP A 125 -9.36 11.77 7.45
CA ASP A 125 -9.10 12.65 8.58
C ASP A 125 -9.98 12.32 9.76
N GLN A 126 -11.28 12.16 9.50
CA GLN A 126 -12.23 11.88 10.57
C GLN A 126 -12.12 10.44 11.08
N GLY A 127 -11.69 9.53 10.22
CA GLY A 127 -11.55 8.14 10.59
C GLY A 127 -10.35 7.91 11.50
N GLY A 128 -9.37 8.80 11.38
CA GLY A 128 -8.16 8.71 12.18
C GLY A 128 -8.46 8.71 13.66
N VAL A 129 -9.35 9.60 14.08
CA VAL A 129 -9.79 9.68 15.47
C VAL A 129 -10.34 8.35 15.98
N VAL A 130 -11.25 7.78 15.20
CA VAL A 130 -11.90 6.51 15.55
C VAL A 130 -10.89 5.38 15.66
N LEU A 131 -10.03 5.25 14.66
CA LEU A 131 -9.03 4.19 14.63
C LEU A 131 -7.98 4.32 15.73
N ARG A 132 -7.68 5.56 16.11
CA ARG A 132 -6.72 5.80 17.19
C ARG A 132 -7.20 5.17 18.51
N GLN A 133 -8.47 5.38 18.84
CA GLN A 133 -8.99 4.82 20.08
C GLN A 133 -9.26 3.33 19.94
N ALA A 134 -9.56 2.89 18.72
CA ALA A 134 -9.75 1.47 18.45
C ALA A 134 -8.47 0.68 18.74
N ARG A 135 -7.33 1.25 18.36
CA ARG A 135 -6.05 0.59 18.63
C ARG A 135 -5.82 0.47 20.14
N ARG A 136 -6.11 1.53 20.89
CA ARG A 136 -5.98 1.49 22.33
C ARG A 136 -6.89 0.41 22.93
N GLU A 137 -8.14 0.34 22.47
CA GLU A 137 -9.10 -0.64 23.00
C GLU A 137 -8.69 -2.08 22.70
N VAL A 138 -8.10 -2.31 21.53
CA VAL A 138 -7.69 -3.65 21.13
C VAL A 138 -6.51 -4.13 21.99
N ASP A 139 -5.50 -3.28 22.14
CA ASP A 139 -4.39 -3.57 23.04
C ASP A 139 -4.87 -3.76 24.47
N SER A 140 -5.66 -2.81 24.95
CA SER A 140 -6.18 -2.81 26.32
C SER A 140 -6.92 -4.09 26.65
N ILE A 141 -8.02 -4.35 25.95
CA ILE A 141 -8.84 -5.53 26.19
C ILE A 141 -8.07 -6.81 25.85
N GLY A 142 -7.04 -6.68 25.03
CA GLY A 142 -6.22 -7.82 24.65
C GLY A 142 -6.56 -8.36 23.28
N SER B 22 31.95 -18.16 13.01
CA SER B 22 31.12 -19.35 12.93
C SER B 22 30.51 -19.49 11.55
N MET B 23 30.09 -20.69 11.19
CA MET B 23 29.42 -20.90 9.92
CA MET B 23 29.42 -20.90 9.92
C MET B 23 28.08 -20.17 9.91
N GLU B 24 27.51 -19.96 11.09
CA GLU B 24 26.28 -19.21 11.20
C GLU B 24 26.48 -17.75 10.75
N GLN B 25 27.61 -17.15 11.13
CA GLN B 25 27.96 -15.80 10.68
C GLN B 25 28.24 -15.77 9.19
N VAL B 26 28.97 -16.77 8.70
CA VAL B 26 29.23 -16.88 7.27
C VAL B 26 27.91 -16.91 6.49
N ALA B 27 26.97 -17.73 6.94
CA ALA B 27 25.71 -17.83 6.21
C ALA B 27 24.95 -16.50 6.23
N MET B 28 24.98 -15.81 7.36
CA MET B 28 24.24 -14.55 7.46
C MET B 28 24.84 -13.50 6.53
N GLU B 29 26.17 -13.43 6.49
CA GLU B 29 26.83 -12.47 5.61
C GLU B 29 26.58 -12.83 4.15
N LEU B 30 26.55 -14.11 3.81
CA LEU B 30 26.19 -14.50 2.45
C LEU B 30 24.76 -14.11 2.07
N ARG B 31 23.82 -14.32 2.98
CA ARG B 31 22.42 -13.96 2.70
C ARG B 31 22.30 -12.43 2.50
N LEU B 32 23.04 -11.68 3.30
CA LEU B 32 23.09 -10.21 3.16
C LEU B 32 23.64 -9.81 1.80
N THR B 33 24.75 -10.41 1.38
CA THR B 33 25.38 -9.96 0.14
C THR B 33 24.60 -10.41 -1.10
N GLU B 34 23.97 -11.59 -1.02
CA GLU B 34 23.15 -12.07 -2.13
C GLU B 34 21.85 -11.28 -2.27
N LEU B 35 21.24 -10.90 -1.16
CA LEU B 35 20.08 -10.01 -1.20
C LEU B 35 20.44 -8.69 -1.88
N THR B 36 21.55 -8.11 -1.47
CA THR B 36 21.98 -6.84 -2.05
C THR B 36 22.22 -6.97 -3.56
N ARG B 37 22.85 -8.06 -3.98
CA ARG B 37 23.07 -8.32 -5.41
CA ARG B 37 23.07 -8.32 -5.40
C ARG B 37 21.74 -8.37 -6.16
N LEU B 38 20.79 -9.12 -5.59
CA LEU B 38 19.46 -9.23 -6.20
C LEU B 38 18.77 -7.86 -6.29
N LEU B 39 18.74 -7.10 -5.19
CA LEU B 39 18.02 -5.82 -5.19
C LEU B 39 18.69 -4.83 -6.15
N ARG B 40 20.01 -4.86 -6.21
CA ARG B 40 20.73 -3.99 -7.15
C ARG B 40 20.30 -4.28 -8.59
N SER B 41 20.16 -5.56 -8.91
CA SER B 41 19.73 -5.94 -10.25
C SER B 41 18.28 -5.51 -10.51
N VAL B 42 17.43 -5.71 -9.50
CA VAL B 42 16.03 -5.27 -9.61
C VAL B 42 15.94 -3.77 -9.81
N LEU B 43 16.67 -3.00 -9.00
CA LEU B 43 16.60 -1.55 -9.14
C LEU B 43 17.09 -1.09 -10.51
N ASP B 44 18.14 -1.72 -11.02
N ASP B 44 18.15 -1.73 -11.00
CA ASP B 44 18.67 -1.33 -12.32
CA ASP B 44 18.71 -1.42 -12.32
C ASP B 44 17.64 -1.64 -13.41
C ASP B 44 17.66 -1.65 -13.40
N GLN B 45 16.97 -2.79 -13.30
CA GLN B 45 15.93 -3.15 -14.27
C GLN B 45 14.77 -2.16 -14.23
N LEU B 46 14.38 -1.74 -13.03
CA LEU B 46 13.28 -0.80 -12.90
C LEU B 46 13.66 0.55 -13.50
N GLN B 47 14.83 1.08 -13.14
CA GLN B 47 15.24 2.39 -13.68
C GLN B 47 15.43 2.38 -15.17
N ASP B 48 15.88 1.25 -15.71
CA ASP B 48 16.09 1.15 -17.15
CA ASP B 48 16.09 1.11 -17.16
C ASP B 48 14.79 1.35 -17.93
N LYS B 49 13.66 1.14 -17.26
CA LYS B 49 12.35 1.29 -17.89
C LYS B 49 11.81 2.72 -17.79
N ASP B 50 12.61 3.61 -17.21
CA ASP B 50 12.23 5.01 -17.05
C ASP B 50 13.28 5.94 -17.70
N PRO B 51 13.44 5.85 -19.03
CA PRO B 51 14.46 6.66 -19.70
C PRO B 51 14.16 8.16 -19.66
N ALA B 52 12.90 8.53 -19.45
CA ALA B 52 12.56 9.95 -19.34
C ALA B 52 12.93 10.51 -17.96
N ARG B 53 13.41 9.62 -17.08
CA ARG B 53 13.84 10.00 -15.73
CA ARG B 53 13.84 10.00 -15.73
C ARG B 53 12.73 10.68 -14.94
N ILE B 54 11.50 10.23 -15.12
CA ILE B 54 10.37 10.79 -14.38
C ILE B 54 10.50 10.49 -12.88
N PHE B 55 11.04 9.32 -12.56
CA PHE B 55 11.08 8.84 -11.18
C PHE B 55 12.50 8.77 -10.63
N ALA B 56 13.45 9.37 -11.35
CA ALA B 56 14.88 9.22 -11.02
C ALA B 56 15.30 9.96 -9.75
N GLN B 57 14.70 11.11 -9.51
CA GLN B 57 15.12 12.04 -8.47
C GLN B 57 13.89 12.55 -7.72
N PRO B 58 14.10 13.07 -6.49
CA PRO B 58 12.97 13.64 -5.76
C PRO B 58 12.27 14.71 -6.58
N VAL B 59 10.95 14.81 -6.46
CA VAL B 59 10.24 15.91 -7.08
C VAL B 59 10.76 17.22 -6.51
N SER B 60 11.03 18.19 -7.39
CA SER B 60 11.55 19.50 -6.96
C SER B 60 10.46 20.42 -6.42
N LEU B 61 10.62 20.87 -5.17
CA LEU B 61 9.66 21.80 -4.58
C LEU B 61 9.70 23.16 -5.29
N LYS B 62 10.84 23.49 -5.89
CA LYS B 62 10.92 24.69 -6.71
C LYS B 62 9.96 24.55 -7.89
N GLU B 63 10.08 23.46 -8.64
CA GLU B 63 9.22 23.22 -9.80
C GLU B 63 7.78 22.93 -9.41
N VAL B 64 7.57 22.23 -8.29
CA VAL B 64 6.23 21.81 -7.87
C VAL B 64 5.95 22.17 -6.41
N PRO B 65 5.64 23.45 -6.15
CA PRO B 65 5.57 24.00 -4.80
C PRO B 65 4.53 23.36 -3.88
N ASP B 66 3.50 22.75 -4.45
CA ASP B 66 2.44 22.19 -3.62
C ASP B 66 2.56 20.67 -3.43
N TYR B 67 3.68 20.09 -3.86
CA TYR B 67 3.82 18.63 -3.83
C TYR B 67 3.61 18.07 -2.43
N LEU B 68 4.27 18.66 -1.43
CA LEU B 68 4.18 18.14 -0.07
C LEU B 68 2.86 18.50 0.63
N ASP B 69 2.05 19.36 0.01
CA ASP B 69 0.69 19.56 0.50
C ASP B 69 -0.08 18.24 0.43
N HIS B 70 0.26 17.43 -0.58
CA HIS B 70 -0.54 16.26 -0.91
C HIS B 70 0.20 14.95 -0.68
N ILE B 71 1.51 14.95 -0.90
CA ILE B 71 2.29 13.72 -0.77
C ILE B 71 3.06 13.70 0.54
N LYS B 72 2.68 12.82 1.46
CA LYS B 72 3.29 12.82 2.79
C LYS B 72 4.62 12.06 2.91
N HIS B 73 4.87 11.11 2.01
CA HIS B 73 6.15 10.40 1.99
C HIS B 73 6.69 10.26 0.58
N PRO B 74 7.43 11.28 0.12
CA PRO B 74 8.01 11.26 -1.23
C PRO B 74 8.98 10.10 -1.41
N MET B 75 9.10 9.58 -2.62
CA MET B 75 10.11 8.57 -2.89
C MET B 75 10.53 8.65 -4.36
N ASP B 76 11.72 8.14 -4.68
CA ASP B 76 12.28 8.18 -6.02
C ASP B 76 13.40 7.17 -6.11
N PHE B 77 13.87 6.88 -7.33
CA PHE B 77 14.88 5.83 -7.50
C PHE B 77 16.24 6.16 -6.87
N ALA B 78 16.65 7.43 -6.87
CA ALA B 78 17.95 7.79 -6.28
C ALA B 78 17.94 7.55 -4.78
N THR B 79 16.83 7.91 -4.15
CA THR B 79 16.65 7.71 -2.71
C THR B 79 16.65 6.21 -2.40
N MET B 80 16.01 5.42 -3.25
CA MET B 80 16.06 3.96 -3.06
C MET B 80 17.49 3.43 -3.19
N ARG B 81 18.23 3.96 -4.16
CA ARG B 81 19.58 3.44 -4.38
C ARG B 81 20.45 3.74 -3.16
N LYS B 82 20.26 4.92 -2.58
CA LYS B 82 21.02 5.34 -1.40
C LYS B 82 20.74 4.38 -0.25
N ARG B 83 19.47 4.04 -0.04
CA ARG B 83 19.10 3.13 1.03
C ARG B 83 19.65 1.74 0.76
N LEU B 84 19.56 1.30 -0.50
CA LEU B 84 20.08 -0.01 -0.88
C LEU B 84 21.57 -0.14 -0.58
N GLU B 85 22.36 0.83 -1.04
CA GLU B 85 23.80 0.73 -0.95
C GLU B 85 24.26 0.95 0.49
N ALA B 86 23.39 1.53 1.30
CA ALA B 86 23.69 1.76 2.72
C ALA B 86 23.32 0.57 3.57
N GLN B 87 22.90 -0.52 2.91
CA GLN B 87 22.44 -1.71 3.60
C GLN B 87 21.15 -1.45 4.37
N GLY B 88 20.29 -0.55 3.87
CA GLY B 88 19.06 -0.20 4.54
C GLY B 88 17.81 -1.02 4.24
N TYR B 89 17.92 -1.95 3.27
CA TYR B 89 16.83 -2.87 3.00
C TYR B 89 17.13 -4.24 3.61
N LYS B 90 16.33 -4.62 4.59
CA LYS B 90 16.50 -5.88 5.31
C LYS B 90 15.97 -7.08 4.53
N ASN B 91 14.99 -6.84 3.66
CA ASN B 91 14.34 -7.89 2.90
C ASN B 91 13.69 -7.30 1.65
N LEU B 92 13.21 -8.17 0.76
CA LEU B 92 12.59 -7.73 -0.49
C LEU B 92 11.34 -6.90 -0.24
N HIS B 93 10.58 -7.25 0.79
CA HIS B 93 9.34 -6.51 1.05
C HIS B 93 9.60 -5.01 1.31
N GLU B 94 10.63 -4.71 2.08
CA GLU B 94 10.94 -3.31 2.38
C GLU B 94 11.24 -2.54 1.09
N PHE B 95 11.91 -3.20 0.16
CA PHE B 95 12.24 -2.62 -1.15
C PHE B 95 10.95 -2.39 -1.95
N GLU B 96 10.10 -3.42 -1.98
CA GLU B 96 8.81 -3.34 -2.66
CA GLU B 96 8.81 -3.35 -2.67
C GLU B 96 7.97 -2.19 -2.15
N GLU B 97 7.98 -1.98 -0.85
CA GLU B 97 7.22 -0.88 -0.27
C GLU B 97 7.68 0.50 -0.76
N ASP B 98 8.99 0.69 -0.94
CA ASP B 98 9.46 1.96 -1.48
C ASP B 98 9.09 2.10 -2.98
N PHE B 99 9.16 1.01 -3.74
CA PHE B 99 8.73 1.10 -5.15
C PHE B 99 7.25 1.46 -5.22
N ASP B 100 6.45 0.84 -4.36
CA ASP B 100 5.02 1.16 -4.38
C ASP B 100 4.79 2.63 -4.04
N LEU B 101 5.61 3.20 -3.15
CA LEU B 101 5.47 4.62 -2.82
C LEU B 101 5.66 5.48 -4.06
N ILE B 102 6.69 5.16 -4.83
CA ILE B 102 6.95 5.90 -6.08
C ILE B 102 5.71 5.89 -6.98
N ILE B 103 5.16 4.70 -7.19
CA ILE B 103 4.01 4.53 -8.05
C ILE B 103 2.77 5.21 -7.46
N ASP B 104 2.49 4.92 -6.19
CA ASP B 104 1.27 5.44 -5.58
C ASP B 104 1.28 6.96 -5.48
N ASN B 105 2.44 7.53 -5.16
CA ASN B 105 2.55 8.98 -5.04
C ASN B 105 2.24 9.66 -6.36
N CYS B 106 2.75 9.06 -7.42
CA CYS B 106 2.55 9.61 -8.76
C CYS B 106 1.09 9.53 -9.18
N MET B 107 0.43 8.39 -8.90
CA MET B 107 -0.97 8.23 -9.28
C MET B 107 -1.88 9.08 -8.41
N LYS B 108 -1.44 9.36 -7.18
CA LYS B 108 -2.20 10.23 -6.29
CA LYS B 108 -2.20 10.23 -6.29
C LYS B 108 -2.11 11.70 -6.70
N TYR B 109 -0.90 12.12 -7.06
CA TYR B 109 -0.68 13.54 -7.39
C TYR B 109 -1.23 13.94 -8.76
N ASN B 110 -1.12 13.04 -9.74
CA ASN B 110 -1.52 13.35 -11.12
C ASN B 110 -2.89 12.80 -11.50
N ALA B 111 -3.63 13.54 -12.33
CA ALA B 111 -4.91 13.07 -12.84
C ALA B 111 -4.71 11.85 -13.75
N ARG B 112 -5.73 10.98 -13.85
CA ARG B 112 -5.65 9.76 -14.67
C ARG B 112 -5.20 10.03 -16.09
N ASP B 113 -5.79 11.06 -16.66
CA ASP B 113 -5.62 11.36 -18.06
C ASP B 113 -4.43 12.27 -18.23
N THR B 114 -3.26 11.82 -17.76
CA THR B 114 -2.01 12.55 -17.90
C THR B 114 -0.87 11.60 -18.25
N VAL B 115 0.16 12.13 -18.90
CA VAL B 115 1.31 11.30 -19.27
C VAL B 115 2.05 10.74 -18.05
N PHE B 116 2.23 11.56 -17.03
CA PHE B 116 2.92 11.05 -15.84
C PHE B 116 2.11 9.95 -15.12
N TYR B 117 0.79 10.09 -15.03
CA TYR B 117 -0.02 9.02 -14.39
C TYR B 117 0.09 7.75 -15.22
N ARG B 118 0.01 7.86 -16.54
CA ARG B 118 0.11 6.67 -17.36
C ARG B 118 1.51 6.03 -17.28
N ALA B 119 2.54 6.85 -17.09
CA ALA B 119 3.88 6.33 -16.89
C ALA B 119 3.94 5.47 -15.63
N ALA B 120 3.30 5.94 -14.57
CA ALA B 120 3.31 5.19 -13.30
C ALA B 120 2.58 3.86 -13.47
N VAL B 121 1.47 3.88 -14.20
CA VAL B 121 0.73 2.65 -14.43
C VAL B 121 1.58 1.68 -15.25
N ARG B 122 2.28 2.22 -16.24
CA ARG B 122 3.18 1.43 -17.06
C ARG B 122 4.29 0.79 -16.22
N LEU B 123 4.97 1.60 -15.42
CA LEU B 123 6.06 1.09 -14.60
C LEU B 123 5.58 0.12 -13.53
N ARG B 124 4.38 0.37 -13.00
CA ARG B 124 3.80 -0.53 -11.99
C ARG B 124 3.60 -1.93 -12.56
N ASP B 125 3.04 -2.01 -13.76
N ASP B 125 3.08 -2.01 -13.77
CA ASP B 125 2.83 -3.30 -14.43
CA ASP B 125 2.80 -3.30 -14.37
C ASP B 125 4.16 -3.98 -14.70
C ASP B 125 4.10 -4.01 -14.80
N GLN B 126 5.06 -3.28 -15.36
CA GLN B 126 6.37 -3.84 -15.69
C GLN B 126 7.12 -4.22 -14.42
N GLY B 127 7.03 -3.36 -13.41
CA GLY B 127 7.74 -3.59 -12.16
C GLY B 127 7.19 -4.79 -11.41
N GLY B 128 5.87 -4.96 -11.50
CA GLY B 128 5.22 -6.11 -10.89
C GLY B 128 5.83 -7.43 -11.36
N VAL B 129 6.07 -7.54 -12.66
CA VAL B 129 6.65 -8.74 -13.23
C VAL B 129 8.07 -8.94 -12.72
N VAL B 130 8.86 -7.86 -12.69
CA VAL B 130 10.23 -7.93 -12.18
C VAL B 130 10.25 -8.39 -10.72
N LEU B 131 9.34 -7.84 -9.92
CA LEU B 131 9.34 -8.10 -8.48
C LEU B 131 8.80 -9.50 -8.18
N ARG B 132 7.87 -9.99 -8.99
CA ARG B 132 7.39 -11.37 -8.78
C ARG B 132 8.53 -12.36 -9.05
N GLN B 133 9.35 -12.06 -10.06
CA GLN B 133 10.51 -12.88 -10.37
C GLN B 133 11.59 -12.75 -9.28
N ALA B 134 11.75 -11.55 -8.74
CA ALA B 134 12.65 -11.37 -7.60
C ALA B 134 12.21 -12.21 -6.40
N ARG B 135 10.90 -12.33 -6.20
CA ARG B 135 10.39 -13.14 -5.09
C ARG B 135 10.72 -14.62 -5.30
N ARG B 136 10.57 -15.11 -6.53
CA ARG B 136 10.97 -16.47 -6.86
C ARG B 136 12.45 -16.71 -6.56
N GLU B 137 13.27 -15.70 -6.84
CA GLU B 137 14.72 -15.81 -6.63
C GLU B 137 15.05 -15.80 -5.14
N VAL B 138 14.36 -14.97 -4.37
CA VAL B 138 14.51 -14.99 -2.92
C VAL B 138 14.27 -16.41 -2.40
N ASP B 139 13.20 -17.02 -2.86
CA ASP B 139 12.87 -18.37 -2.41
C ASP B 139 13.89 -19.41 -2.88
N SER B 140 14.30 -19.31 -4.14
CA SER B 140 15.26 -20.26 -4.71
C SER B 140 16.62 -20.16 -4.00
N ILE B 141 17.08 -18.94 -3.78
CA ILE B 141 18.41 -18.72 -3.19
C ILE B 141 18.41 -18.96 -1.67
N GLY B 142 17.24 -18.80 -1.05
CA GLY B 142 17.06 -19.02 0.38
C GLY B 142 17.36 -17.81 1.26
N LEU B 143 17.00 -16.63 0.78
CA LEU B 143 17.39 -15.40 1.44
C LEU B 143 16.58 -15.09 2.70
N GLU B 144 15.38 -15.68 2.82
CA GLU B 144 14.58 -15.46 4.02
C GLU B 144 14.50 -16.70 4.93
#